data_1NL1
#
_entry.id   1NL1
#
_cell.length_a   39.188
_cell.length_b   53.443
_cell.length_c   128.173
_cell.angle_alpha   90.00
_cell.angle_beta   90.00
_cell.angle_gamma   90.00
#
_symmetry.space_group_name_H-M   'P 21 21 21'
#
loop_
_entity.id
_entity.type
_entity.pdbx_description
1 polymer Prothrombin
2 branched 2-acetamido-2-deoxy-beta-D-glucopyranose-(1-4)-2-acetamido-2-deoxy-beta-D-glucopyranose
3 non-polymer 2-acetamido-2-deoxy-beta-D-glucopyranose
4 non-polymer 'CALCIUM ION'
5 water water
#
_entity_poly.entity_id   1
_entity_poly.type   'polypeptide(L)'
_entity_poly.pdbx_seq_one_letter_code
;ANKGFL(CGU)(CGU)VRKGNL(CGU)R(CGU)CL(CGU)(CGU)PCSR(CGU)(CGU)AF(CGU)AL(CGU)SLSATDA
FWAKYTACESARNPREKLNECLEGNCAEGVGMNYRGNVSVTRSGIECQLWRSRYPHKPEINSTTHPGADLRENFCRNPDG
SITGPWCYTTSPTLRREECSVPVCGQD
;
_entity_poly.pdbx_strand_id   A
#
loop_
_chem_comp.id
_chem_comp.type
_chem_comp.name
_chem_comp.formula
CA non-polymer 'CALCIUM ION' 'Ca 2'
NAG D-saccharide, beta linking 2-acetamido-2-deoxy-beta-D-glucopyranose 'C8 H15 N O6'
#
# COMPACT_ATOMS: atom_id res chain seq x y z
N ALA A 1 3.01 -1.06 19.93
CA ALA A 1 2.15 -1.67 20.96
C ALA A 1 2.22 -0.90 22.29
N ASN A 2 1.18 -1.04 23.11
CA ASN A 2 1.19 -0.31 24.39
C ASN A 2 1.29 -1.29 25.52
N LYS A 3 2.48 -1.35 26.10
N LYS A 3 2.53 -1.61 25.89
CA LYS A 3 2.75 -2.20 27.25
CA LYS A 3 2.79 -2.62 26.90
C LYS A 3 2.36 -1.36 28.48
C LYS A 3 4.12 -2.49 27.62
N GLY A 4 1.08 -1.01 28.55
N GLY A 4 4.28 -1.41 28.36
CA GLY A 4 0.52 -0.20 29.62
CA GLY A 4 5.50 -1.18 29.11
C GLY A 4 1.31 0.19 30.86
C GLY A 4 5.11 -0.63 30.46
N PHE A 5 2.26 1.10 30.71
N PHE A 5 5.59 0.56 30.80
CA PHE A 5 3.05 1.60 31.82
CA PHE A 5 5.33 1.18 32.10
C PHE A 5 3.38 3.04 31.49
C PHE A 5 5.56 2.69 31.97
N LEU A 6 4.65 3.41 31.32
CA LEU A 6 4.83 4.84 31.05
C LEU A 6 5.32 5.09 29.61
N CGU A 7 5.23 4.07 28.78
CA CGU A 7 5.75 4.22 27.41
C CGU A 7 5.11 5.31 26.58
O CGU A 7 5.78 5.94 25.73
CB CGU A 7 5.69 2.92 26.65
CG CGU A 7 4.35 2.33 26.22
CD1 CGU A 7 4.49 1.56 24.94
CD2 CGU A 7 3.39 1.84 27.32
OE11 CGU A 7 4.54 2.12 23.85
OE12 CGU A 7 4.57 0.34 25.13
OE21 CGU A 7 3.89 1.67 28.46
OE22 CGU A 7 2.18 1.62 26.99
N CGU A 8 3.81 5.56 26.83
CA CGU A 8 3.15 6.60 26.05
C CGU A 8 3.57 7.99 26.45
O CGU A 8 3.13 8.99 25.90
CB CGU A 8 1.64 6.41 26.03
CG CGU A 8 1.32 5.29 25.05
CD1 CGU A 8 -0.18 4.92 25.14
CD2 CGU A 8 2.01 5.42 23.67
OE11 CGU A 8 -0.60 4.26 26.11
OE12 CGU A 8 -0.89 5.32 24.20
OE21 CGU A 8 1.72 6.48 23.07
OE22 CGU A 8 2.81 4.53 23.26
N VAL A 9 4.47 8.05 27.42
CA VAL A 9 5.03 9.34 27.78
C VAL A 9 6.17 9.69 26.77
N ARG A 10 6.73 8.70 26.11
CA ARG A 10 7.82 8.99 25.15
C ARG A 10 7.29 9.42 23.78
N LYS A 11 8.04 10.26 23.10
CA LYS A 11 7.75 10.68 21.73
C LYS A 11 7.50 9.37 20.92
N GLY A 12 6.56 9.41 19.98
CA GLY A 12 6.31 8.20 19.23
C GLY A 12 7.51 7.90 18.34
N ASN A 13 7.75 6.62 18.07
CA ASN A 13 8.84 6.19 17.22
C ASN A 13 8.35 4.95 16.46
N LEU A 14 8.30 5.14 15.13
CA LEU A 14 7.78 4.10 14.24
C LEU A 14 8.56 2.81 14.33
N CGU A 15 9.89 2.91 14.44
CA CGU A 15 10.71 1.70 14.48
C CGU A 15 10.35 0.87 15.72
O CGU A 15 10.12 -0.35 15.66
CB CGU A 15 12.23 2.07 14.56
CG CGU A 15 13.16 0.85 14.56
CD1 CGU A 15 12.94 -0.21 13.47
CD2 CGU A 15 14.63 1.05 14.90
OE11 CGU A 15 12.55 0.17 12.36
OE12 CGU A 15 13.22 -1.38 13.73
OE21 CGU A 15 15.24 0.00 15.30
OE22 CGU A 15 15.06 2.17 14.71
N ARG A 16 10.37 1.53 16.89
CA ARG A 16 10.09 0.87 18.14
C ARG A 16 8.63 0.36 18.25
N CGU A 17 7.71 1.22 17.88
CA CGU A 17 6.29 1.00 18.09
C CGU A 17 5.48 0.25 17.01
O CGU A 17 4.46 -0.42 17.32
CB CGU A 17 5.64 2.36 18.30
CG CGU A 17 5.98 2.98 19.64
CD1 CGU A 17 5.34 4.33 19.80
CD2 CGU A 17 5.88 2.03 20.82
OE11 CGU A 17 4.47 4.35 20.70
OE12 CGU A 17 5.66 5.29 19.06
OE21 CGU A 17 4.78 1.42 20.95
OE22 CGU A 17 6.87 1.89 21.58
N CYS A 18 5.91 0.41 15.76
CA CYS A 18 5.18 -0.20 14.66
C CYS A 18 5.92 -1.22 13.83
N LEU A 19 7.25 -1.20 13.90
CA LEU A 19 8.07 -2.13 13.13
C LEU A 19 8.59 -3.28 14.02
N CGU A 20 9.14 -2.95 15.20
CA CGU A 20 9.62 -3.96 16.14
C CGU A 20 8.42 -4.51 16.93
O CGU A 20 8.49 -5.60 17.54
CB CGU A 20 10.63 -3.31 17.10
CG CGU A 20 12.04 -2.85 16.63
CD1 CGU A 20 12.71 -1.97 17.64
CD2 CGU A 20 13.01 -3.84 16.04
OE11 CGU A 20 13.72 -1.34 17.21
OE12 CGU A 20 12.25 -1.98 18.81
OE21 CGU A 20 14.09 -3.42 15.44
OE22 CGU A 20 12.67 -5.00 16.28
N CGU A 21 7.30 -3.78 16.89
CA CGU A 21 6.07 -4.18 17.59
C CGU A 21 4.86 -3.92 16.74
O CGU A 21 4.90 -3.07 15.89
CB CGU A 21 5.85 -3.31 18.83
CG CGU A 21 6.69 -3.23 20.09
CD1 CGU A 21 6.91 -4.55 20.79
CD2 CGU A 21 6.51 -2.03 20.95
OE11 CGU A 21 6.03 -5.39 20.63
OE12 CGU A 21 7.92 -4.70 21.51
OE21 CGU A 21 7.45 -1.80 21.73
OE22 CGU A 21 5.46 -1.36 20.86
N PRO A 22 3.77 -4.67 16.96
CA PRO A 22 2.58 -4.38 16.15
C PRO A 22 2.01 -3.07 16.74
N CYS A 23 1.24 -2.30 15.96
CA CYS A 23 0.72 -1.04 16.48
C CYS A 23 -0.63 -0.67 15.89
N SER A 24 -1.33 0.22 16.59
CA SER A 24 -2.63 0.74 16.19
C SER A 24 -2.41 1.95 15.29
N ARG A 25 -3.41 2.29 14.49
CA ARG A 25 -3.30 3.49 13.65
C ARG A 25 -2.91 4.74 14.44
N CGU A 26 -3.52 4.89 15.62
CA CGU A 26 -3.23 6.07 16.41
C CGU A 26 -1.70 6.07 16.82
O CGU A 26 -1.10 7.12 16.88
CB CGU A 26 -4.12 6.12 17.66
CG CGU A 26 -3.94 7.44 18.50
CD1 CGU A 26 -3.86 8.73 17.71
CD2 CGU A 26 -4.61 7.56 19.85
OE11 CGU A 26 -4.57 8.84 16.70
OE12 CGU A 26 -3.14 9.63 18.12
OE21 CGU A 26 -4.17 8.45 20.66
OE22 CGU A 26 -5.57 6.80 20.04
N CGU A 27 -1.14 4.90 17.08
CA CGU A 27 0.27 4.87 17.47
C CGU A 27 1.12 5.28 16.26
O CGU A 27 2.11 6.00 16.39
CB CGU A 27 0.66 3.50 17.93
CG CGU A 27 0.27 2.99 19.32
CD1 CGU A 27 0.39 4.06 20.41
CD2 CGU A 27 0.72 1.58 19.61
OE11 CGU A 27 1.55 4.46 20.76
OE12 CGU A 27 -0.67 4.52 20.89
OE21 CGU A 27 0.11 0.63 19.14
OE22 CGU A 27 1.75 1.49 20.26
N ALA A 28 0.70 4.83 15.08
CA ALA A 28 1.42 5.20 13.86
C ALA A 28 1.31 6.72 13.67
N PHE A 29 0.09 7.23 13.84
CA PHE A 29 -0.14 8.67 13.73
C PHE A 29 0.74 9.51 14.68
N CGU A 30 0.80 9.04 15.91
CA CGU A 30 1.60 9.72 16.93
C CGU A 30 3.07 9.64 16.51
O CGU A 30 3.83 10.50 16.88
CB CGU A 30 1.47 8.98 18.27
CG CGU A 30 0.26 9.31 19.20
CD1 CGU A 30 0.20 10.76 19.68
CD2 CGU A 30 -0.21 8.27 20.16
OE11 CGU A 30 -0.91 11.19 20.12
OE12 CGU A 30 1.30 11.38 19.63
OE21 CGU A 30 0.60 7.36 20.38
OE22 CGU A 30 -1.35 8.40 20.68
N ALA A 31 3.47 8.58 15.80
CA ALA A 31 4.89 8.45 15.38
C ALA A 31 5.22 9.18 14.08
N LEU A 32 4.21 9.69 13.36
CA LEU A 32 4.45 10.36 12.07
C LEU A 32 4.18 11.84 12.11
N CGU A 33 4.60 12.54 11.07
CA CGU A 33 4.43 14.00 11.03
C CGU A 33 3.23 14.55 10.29
O CGU A 33 3.09 15.79 10.22
CB CGU A 33 5.72 14.64 10.48
CG CGU A 33 6.92 14.55 11.43
CD1 CGU A 33 8.31 14.59 10.80
CD2 CGU A 33 6.65 14.72 12.92
OE11 CGU A 33 8.52 15.43 9.90
OE12 CGU A 33 9.17 13.79 11.23
OE21 CGU A 33 6.21 15.80 13.32
OE22 CGU A 33 6.90 13.75 13.67
N SER A 34 2.34 13.70 9.75
CA SER A 34 1.17 14.21 9.03
C SER A 34 0.15 13.10 8.83
N LEU A 35 -1.06 13.51 8.46
CA LEU A 35 -2.13 12.54 8.20
C LEU A 35 -1.78 11.83 6.92
N SER A 36 -1.11 12.55 6.04
CA SER A 36 -0.73 12.05 4.75
C SER A 36 0.27 10.92 4.90
N ALA A 37 1.29 11.14 5.73
CA ALA A 37 2.28 10.11 5.99
C ALA A 37 1.56 8.95 6.73
N THR A 38 0.64 9.28 7.65
CA THR A 38 -0.08 8.23 8.37
C THR A 38 -0.99 7.37 7.43
N ASP A 39 -1.75 7.99 6.53
CA ASP A 39 -2.60 7.18 5.64
C ASP A 39 -1.74 6.23 4.78
N ALA A 40 -0.62 6.75 4.26
CA ALA A 40 0.26 5.92 3.41
C ALA A 40 0.85 4.77 4.22
N PHE A 41 1.42 5.09 5.38
CA PHE A 41 2.01 4.03 6.17
C PHE A 41 0.97 2.98 6.58
N TRP A 42 -0.22 3.46 6.95
CA TRP A 42 -1.23 2.52 7.43
C TRP A 42 -1.65 1.52 6.35
N ALA A 43 -1.82 2.03 5.14
CA ALA A 43 -2.19 1.20 3.99
C ALA A 43 -1.09 0.19 3.78
N LYS A 44 0.17 0.61 3.89
CA LYS A 44 1.26 -0.35 3.69
C LYS A 44 1.31 -1.38 4.81
N TYR A 45 1.17 -0.89 6.03
CA TYR A 45 1.20 -1.71 7.23
C TYR A 45 0.13 -2.79 7.16
N THR A 46 -1.12 -2.41 6.91
CA THR A 46 -2.16 -3.43 6.87
C THR A 46 -2.01 -4.39 5.69
N ALA A 47 -1.49 -3.90 4.57
CA ALA A 47 -1.29 -4.74 3.40
C ALA A 47 -0.18 -5.80 3.68
N CYS A 48 0.64 -5.54 4.69
CA CYS A 48 1.74 -6.46 5.04
C CYS A 48 1.56 -7.15 6.40
N GLU A 49 0.35 -7.02 6.97
CA GLU A 49 0.00 -7.55 8.29
C GLU A 49 0.41 -9.00 8.50
N SER A 50 0.38 -9.76 7.42
CA SER A 50 0.73 -11.17 7.47
C SER A 50 2.08 -11.46 6.80
N ALA A 51 2.96 -10.46 6.73
CA ALA A 51 4.30 -10.72 6.19
C ALA A 51 5.21 -10.08 7.24
N ARG A 52 4.71 -10.08 8.48
CA ARG A 52 5.40 -9.51 9.61
C ARG A 52 6.73 -10.14 10.00
N ASN A 53 6.91 -11.44 9.79
CA ASN A 53 8.18 -12.10 10.19
C ASN A 53 8.79 -13.01 9.16
N PRO A 54 10.13 -13.01 9.02
CA PRO A 54 11.11 -12.21 9.75
C PRO A 54 11.07 -10.75 9.27
N ARG A 55 11.91 -9.91 9.88
CA ARG A 55 11.97 -8.51 9.53
C ARG A 55 12.35 -8.29 8.06
N GLU A 56 13.18 -9.17 7.50
CA GLU A 56 13.56 -9.00 6.10
C GLU A 56 12.34 -9.16 5.17
N LYS A 57 11.41 -10.04 5.55
CA LYS A 57 10.21 -10.28 4.77
C LYS A 57 9.27 -9.06 4.88
N LEU A 58 9.13 -8.54 6.09
CA LEU A 58 8.29 -7.37 6.34
C LEU A 58 8.85 -6.17 5.56
N ASN A 59 10.16 -5.96 5.59
CA ASN A 59 10.74 -4.82 4.84
C ASN A 59 10.53 -4.94 3.33
N GLU A 60 10.63 -6.15 2.81
CA GLU A 60 10.42 -6.34 1.40
C GLU A 60 8.96 -6.02 1.09
N CYS A 61 8.04 -6.56 1.89
CA CYS A 61 6.60 -6.27 1.66
C CYS A 61 6.32 -4.75 1.69
N LEU A 62 6.84 -4.04 2.71
CA LEU A 62 6.66 -2.60 2.87
C LEU A 62 7.30 -1.78 1.74
N GLU A 63 8.48 -2.19 1.25
CA GLU A 63 9.11 -1.50 0.13
C GLU A 63 8.14 -1.63 -1.09
N GLY A 64 7.45 -2.75 -1.20
CA GLY A 64 6.49 -2.87 -2.29
C GLY A 64 6.91 -3.07 -3.74
N ASN A 65 8.12 -3.51 -3.99
CA ASN A 65 8.51 -3.78 -5.38
C ASN A 65 7.91 -5.10 -5.87
N CYS A 66 7.34 -5.88 -4.96
CA CYS A 66 6.67 -7.14 -5.30
C CYS A 66 5.30 -7.16 -4.60
N ALA A 67 4.38 -7.98 -5.10
CA ALA A 67 3.08 -8.12 -4.48
C ALA A 67 3.01 -9.21 -3.41
N GLU A 68 2.49 -8.84 -2.25
CA GLU A 68 2.26 -9.78 -1.15
C GLU A 68 0.75 -10.06 -1.12
N GLY A 69 0.37 -11.33 -1.12
CA GLY A 69 -1.04 -11.65 -1.10
C GLY A 69 -1.66 -11.18 -2.42
N VAL A 70 -2.66 -10.33 -2.31
CA VAL A 70 -3.37 -9.80 -3.46
C VAL A 70 -2.69 -8.51 -3.97
N GLY A 71 -1.57 -8.13 -3.32
CA GLY A 71 -0.83 -6.97 -3.82
C GLY A 71 -1.24 -5.57 -3.41
N MET A 72 -2.03 -5.43 -2.35
CA MET A 72 -2.40 -4.12 -1.85
C MET A 72 -1.15 -3.31 -1.45
N ASN A 73 -0.05 -4.01 -1.20
CA ASN A 73 1.21 -3.39 -0.80
C ASN A 73 2.06 -2.94 -1.97
N TYR A 74 1.60 -3.25 -3.19
CA TYR A 74 2.45 -2.96 -4.32
C TYR A 74 2.59 -1.49 -4.61
N ARG A 75 3.84 -1.06 -4.74
CA ARG A 75 4.18 0.34 -4.98
C ARG A 75 5.22 0.50 -6.10
N GLY A 76 5.34 -0.50 -6.97
CA GLY A 76 6.30 -0.45 -8.08
C GLY A 76 5.87 0.39 -9.27
N ASN A 77 6.65 0.31 -10.34
CA ASN A 77 6.44 1.12 -11.52
C ASN A 77 5.84 0.47 -12.76
N VAL A 78 5.39 -0.78 -12.68
CA VAL A 78 4.78 -1.37 -13.85
C VAL A 78 3.54 -0.51 -14.16
N SER A 79 3.41 -0.19 -15.44
CA SER A 79 2.32 0.68 -15.86
C SER A 79 1.64 0.21 -17.09
N VAL A 80 1.61 -1.12 -17.30
CA VAL A 80 0.94 -1.73 -18.41
C VAL A 80 0.17 -2.93 -17.87
N THR A 81 -0.99 -3.20 -18.43
CA THR A 81 -1.83 -4.34 -18.04
C THR A 81 -1.22 -5.66 -18.53
N ARG A 82 -1.74 -6.78 -18.03
CA ARG A 82 -1.22 -8.07 -18.43
C ARG A 82 -1.39 -8.28 -19.93
N SER A 83 -2.43 -7.71 -20.54
CA SER A 83 -2.63 -7.90 -21.98
C SER A 83 -1.87 -6.89 -22.84
N GLY A 84 -1.04 -6.09 -22.16
CA GLY A 84 -0.22 -5.08 -22.79
C GLY A 84 -0.84 -3.73 -23.00
N ILE A 85 -1.95 -3.41 -22.36
CA ILE A 85 -2.51 -2.07 -22.60
C ILE A 85 -1.83 -1.03 -21.67
N GLU A 86 -1.45 0.13 -22.21
CA GLU A 86 -0.85 1.13 -21.35
C GLU A 86 -1.93 1.64 -20.36
N CYS A 87 -1.53 1.71 -19.10
CA CYS A 87 -2.40 2.19 -18.06
C CYS A 87 -2.76 3.67 -18.24
N GLN A 88 -3.98 4.02 -17.83
CA GLN A 88 -4.47 5.40 -17.79
C GLN A 88 -3.92 6.01 -16.48
N LEU A 89 -3.70 7.32 -16.51
CA LEU A 89 -3.21 8.05 -15.32
C LEU A 89 -4.37 8.05 -14.37
N TRP A 90 -4.05 7.77 -13.10
CA TRP A 90 -5.12 7.74 -12.10
C TRP A 90 -5.87 9.08 -12.04
N ARG A 91 -5.13 10.16 -12.32
CA ARG A 91 -5.70 11.50 -12.20
C ARG A 91 -6.53 11.91 -13.40
N SER A 92 -6.40 11.17 -14.50
CA SER A 92 -7.16 11.51 -15.69
C SER A 92 -8.58 11.03 -15.58
N ARG A 93 -9.49 11.76 -16.23
CA ARG A 93 -10.88 11.34 -16.27
C ARG A 93 -11.24 10.82 -17.67
N TYR A 94 -10.22 10.46 -18.46
CA TYR A 94 -10.39 9.92 -19.80
C TYR A 94 -9.28 8.90 -20.09
N PRO A 95 -9.61 7.79 -20.81
CA PRO A 95 -10.96 7.48 -21.34
C PRO A 95 -11.98 6.94 -20.31
N HIS A 96 -11.56 6.81 -19.06
CA HIS A 96 -12.48 6.34 -18.01
C HIS A 96 -12.46 7.31 -16.88
N LYS A 97 -13.62 7.53 -16.29
CA LYS A 97 -13.68 8.43 -15.15
C LYS A 97 -13.52 7.56 -13.88
N PRO A 98 -12.34 7.58 -13.26
CA PRO A 98 -12.13 6.74 -12.06
C PRO A 98 -13.11 6.95 -10.91
N GLU A 99 -13.66 5.85 -10.37
CA GLU A 99 -14.55 5.94 -9.19
C GLU A 99 -13.62 5.70 -7.96
N ILE A 100 -12.38 5.27 -8.21
CA ILE A 100 -11.39 5.09 -7.16
C ILE A 100 -10.26 6.10 -7.39
N ASN A 101 -9.94 6.90 -6.37
CA ASN A 101 -8.88 7.89 -6.48
C ASN A 101 -8.25 8.27 -5.16
N SER A 102 -7.45 9.34 -5.21
CA SER A 102 -6.74 9.85 -4.04
C SER A 102 -7.64 10.12 -2.84
N THR A 103 -8.85 10.61 -3.10
CA THR A 103 -9.78 10.95 -2.03
C THR A 103 -10.47 9.75 -1.45
N THR A 104 -10.87 8.86 -2.35
CA THR A 104 -11.55 7.69 -1.92
C THR A 104 -10.62 6.72 -1.23
N HIS A 105 -9.35 6.70 -1.67
CA HIS A 105 -8.38 5.76 -1.10
C HIS A 105 -7.04 6.46 -0.87
N PRO A 106 -6.99 7.29 0.17
CA PRO A 106 -5.77 8.02 0.50
C PRO A 106 -4.82 6.95 1.05
N GLY A 107 -3.53 7.12 0.84
CA GLY A 107 -2.65 6.08 1.34
C GLY A 107 -2.34 5.02 0.29
N ALA A 108 -3.15 4.90 -0.76
CA ALA A 108 -2.95 3.89 -1.82
C ALA A 108 -1.87 4.20 -2.86
N ASP A 109 -1.32 5.43 -2.83
CA ASP A 109 -0.29 5.84 -3.75
C ASP A 109 -0.73 5.68 -5.20
N LEU A 110 -1.89 6.21 -5.58
CA LEU A 110 -2.38 6.15 -6.97
C LEU A 110 -1.57 7.19 -7.78
N ARG A 111 -0.31 6.89 -8.13
CA ARG A 111 0.55 7.87 -8.83
C ARG A 111 0.73 7.56 -10.29
N GLU A 112 0.93 8.63 -11.05
CA GLU A 112 1.10 8.57 -12.50
C GLU A 112 0.11 7.52 -12.98
N ASN A 113 0.59 6.52 -13.71
CA ASN A 113 -0.27 5.42 -14.20
C ASN A 113 0.28 4.04 -13.75
N PHE A 114 0.80 4.00 -12.51
CA PHE A 114 1.36 2.75 -11.99
C PHE A 114 0.32 1.79 -11.47
N CYS A 115 0.49 0.51 -11.76
CA CYS A 115 -0.49 -0.46 -11.30
C CYS A 115 -0.55 -0.47 -9.75
N ARG A 116 -1.73 -0.59 -9.22
CA ARG A 116 -1.98 -0.59 -7.76
C ARG A 116 -3.21 -1.44 -7.47
N ASN A 117 -3.36 -1.91 -6.23
CA ASN A 117 -4.53 -2.65 -5.88
C ASN A 117 -5.17 -1.97 -4.66
N PRO A 118 -5.73 -0.76 -4.86
CA PRO A 118 -6.36 0.03 -3.79
C PRO A 118 -7.57 -0.64 -3.17
N ASP A 119 -8.36 -1.38 -3.97
CA ASP A 119 -9.55 -2.03 -3.46
C ASP A 119 -9.41 -3.52 -3.08
N GLY A 120 -8.20 -4.07 -3.03
CA GLY A 120 -8.07 -5.47 -2.66
C GLY A 120 -8.71 -6.43 -3.68
N SER A 121 -8.69 -6.10 -4.99
CA SER A 121 -9.25 -7.00 -6.02
C SER A 121 -8.52 -8.30 -5.94
N ILE A 122 -9.28 -9.37 -6.00
CA ILE A 122 -8.69 -10.70 -5.88
C ILE A 122 -7.71 -11.02 -7.03
N THR A 123 -7.81 -10.34 -8.16
CA THR A 123 -6.84 -10.61 -9.24
C THR A 123 -5.60 -9.74 -9.25
N GLY A 124 -5.39 -8.98 -8.17
CA GLY A 124 -4.14 -8.24 -8.06
C GLY A 124 -4.06 -6.79 -8.51
N PRO A 125 -2.86 -6.19 -8.43
CA PRO A 125 -2.62 -4.80 -8.84
C PRO A 125 -3.22 -4.64 -10.24
N TRP A 126 -3.87 -3.49 -10.46
CA TRP A 126 -4.54 -3.23 -11.70
C TRP A 126 -4.43 -1.74 -11.99
N CYS A 127 -5.04 -1.34 -13.11
CA CYS A 127 -5.09 0.07 -13.48
C CYS A 127 -6.23 0.30 -14.43
N TYR A 128 -6.66 1.54 -14.52
CA TYR A 128 -7.67 1.85 -15.49
C TYR A 128 -6.85 1.78 -16.79
N THR A 129 -7.47 1.35 -17.89
CA THR A 129 -6.69 1.23 -19.11
C THR A 129 -6.97 2.32 -20.14
N THR A 130 -5.98 2.58 -20.98
CA THR A 130 -6.19 3.62 -21.99
C THR A 130 -7.09 3.10 -23.13
N SER A 131 -7.49 1.82 -23.07
CA SER A 131 -8.43 1.33 -24.08
C SER A 131 -9.84 1.82 -23.68
N PRO A 132 -10.52 2.54 -24.58
CA PRO A 132 -11.86 3.02 -24.25
C PRO A 132 -12.86 1.90 -23.94
N THR A 133 -12.63 0.72 -24.47
CA THR A 133 -13.57 -0.38 -24.23
C THR A 133 -13.22 -1.32 -23.00
N LEU A 134 -12.12 -1.05 -22.33
CA LEU A 134 -11.73 -1.91 -21.21
C LEU A 134 -11.40 -0.97 -20.05
N ARG A 135 -12.35 -0.82 -19.15
CA ARG A 135 -12.20 0.09 -18.04
C ARG A 135 -10.97 -0.21 -17.17
N ARG A 136 -10.82 -1.45 -16.70
CA ARG A 136 -9.65 -1.77 -15.91
C ARG A 136 -9.16 -3.18 -16.17
N GLU A 137 -7.89 -3.44 -15.89
CA GLU A 137 -7.35 -4.79 -16.07
C GLU A 137 -6.15 -4.96 -15.16
N GLU A 138 -5.87 -6.21 -14.69
CA GLU A 138 -4.74 -6.44 -13.79
C GLU A 138 -3.46 -6.37 -14.54
N CYS A 139 -2.39 -6.22 -13.77
CA CYS A 139 -1.03 -6.13 -14.29
C CYS A 139 -0.21 -7.33 -13.83
N SER A 140 0.97 -7.48 -14.41
CA SER A 140 1.91 -8.57 -14.11
C SER A 140 3.08 -7.94 -13.36
N VAL A 141 3.11 -8.27 -12.08
CA VAL A 141 4.07 -7.77 -11.13
C VAL A 141 4.58 -9.00 -10.35
N PRO A 142 5.86 -9.04 -9.99
CA PRO A 142 6.46 -10.17 -9.24
C PRO A 142 5.77 -10.37 -7.90
N VAL A 143 5.63 -11.62 -7.49
CA VAL A 143 5.03 -11.99 -6.21
C VAL A 143 6.19 -11.98 -5.21
N CYS A 144 5.93 -11.56 -3.98
CA CYS A 144 6.99 -11.51 -3.00
C CYS A 144 7.41 -12.95 -2.64
N GLY A 145 8.72 -13.20 -2.77
CA GLY A 145 9.34 -14.49 -2.46
C GLY A 145 9.18 -15.57 -3.52
N GLN A 146 8.71 -15.14 -4.68
CA GLN A 146 8.39 -16.03 -5.79
C GLN A 146 9.26 -17.20 -6.19
N ASP A 147 10.18 -16.91 -7.09
CA ASP A 147 11.05 -17.92 -7.66
C ASP A 147 12.46 -17.78 -7.09
C1 NAG B . 9.82 4.55 -10.39
C2 NAG B . 11.30 4.84 -10.69
C3 NAG B . 11.80 6.04 -9.89
C4 NAG B . 10.87 7.23 -10.06
C5 NAG B . 9.43 6.80 -9.75
C6 NAG B . 8.43 7.94 -9.92
C7 NAG B . 12.21 2.72 -11.31
C8 NAG B . 12.11 1.29 -10.79
N2 NAG B . 12.13 3.69 -10.41
O3 NAG B . 13.12 6.38 -10.31
O4 NAG B . 11.25 8.25 -9.14
O5 NAG B . 9.04 5.73 -10.62
O6 NAG B . 8.45 8.44 -11.25
O7 NAG B . 12.30 2.96 -12.53
C1 NAG B . 11.18 9.54 -9.58
C2 NAG B . 11.34 10.47 -8.38
C3 NAG B . 11.55 11.93 -8.78
C4 NAG B . 12.59 12.09 -9.90
C5 NAG B . 12.30 11.08 -11.05
C6 NAG B . 13.41 11.08 -12.09
C7 NAG B . 10.22 9.90 -6.31
C8 NAG B . 11.46 10.22 -5.46
N2 NAG B . 10.15 10.40 -7.54
O3 NAG B . 11.96 12.67 -7.64
O4 NAG B . 12.54 13.42 -10.40
O5 NAG B . 12.25 9.73 -10.53
O6 NAG B . 14.47 10.24 -11.64
O7 NAG B . 9.31 9.22 -5.81
C1 NAG C . -12.42 11.26 -6.66
C2 NAG C . -12.16 12.74 -7.03
C3 NAG C . -13.30 13.64 -6.56
C4 NAG C . -14.67 13.09 -6.94
C5 NAG C . -14.74 11.65 -6.42
C6 NAG C . -16.06 10.95 -6.67
C7 NAG C . -9.78 13.13 -6.95
C8 NAG C . -8.58 12.84 -6.03
N2 NAG C . -10.97 13.20 -6.35
O3 NAG C . -13.14 14.92 -7.14
O4 NAG C . -15.67 13.90 -6.31
O5 NAG C . -13.71 10.86 -7.08
O6 NAG C . -16.48 11.16 -8.01
O7 NAG C . -9.63 13.27 -8.18
CA CA D . -2.83 10.25 20.44
CA CA E . -0.73 6.61 22.27
CA CA F . 2.88 6.40 21.05
CA CA G . 3.00 2.73 21.95
CA CA H . 5.59 -0.03 22.82
CA CA I . 9.43 -3.23 22.29
CA CA J . 14.91 -1.89 15.31
#